data_2RGS
#
_entry.id   2RGS
#
_cell.length_a   138.946
_cell.length_b   63.956
_cell.length_c   72.624
_cell.angle_alpha   90.00
_cell.angle_beta   103.83
_cell.angle_gamma   90.00
#
_symmetry.space_group_name_H-M   'C 1 2 1'
#
loop_
_entity.id
_entity.type
_entity.pdbx_description
1 polymer 'Ig gamma-2B heavy chain'
2 branched beta-D-galactopyranose-(1-4)-2-acetamido-2-deoxy-beta-D-glucopyranose-(1-2)-alpha-D-mannopyranose-(1-6)-[2-acetamido-2-deoxy-beta-D-glucopyranose-(1-2)-alpha-D-mannopyranose-(1-3)]alpha-D-mannopyranose-(1-4)-2-acetamido-2-deoxy-beta-D-glucopyranose-(1-4)-[alpha-L-fucopyranose-(1-6)]2-acetamido-2-deoxy-beta-D-glucopyranose
3 water water
#
_entity_poly.entity_id   1
_entity_poly.type   'polypeptide(L)'
_entity_poly.pdbx_seq_one_letter_code
;CPAPNLEGGPSVFIFPPNIKDVLMISLTPKVTCVVVDVSEDDPDVQISWFVNNVEVHTAQTQTHREDYNSTIRVVSTLPI
QHQDWMSGKEFKCKVNNKDLPSPIERTISKIKGLVRAPQVYILPPPAEQLSRKDVSLTCLVVGFNPGDISVEWTSNGHTE
ENYKDTAPVLDSDGSYFIYSKLNMKTSKWEKTDSFSCNVRHEGLKNYYLKKTISRSPG
;
_entity_poly.pdbx_strand_id   A,B
#
loop_
_chem_comp.id
_chem_comp.type
_chem_comp.name
_chem_comp.formula
FUC L-saccharide, alpha linking alpha-L-fucopyranose 'C6 H12 O5'
GAL D-saccharide, beta linking beta-D-galactopyranose 'C6 H12 O6'
MAN D-saccharide, alpha linking alpha-D-mannopyranose 'C6 H12 O6'
NAG D-saccharide, beta linking 2-acetamido-2-deoxy-beta-D-glucopyranose 'C8 H15 N O6'
#
# COMPACT_ATOMS: atom_id res chain seq x y z
N GLY A 9 -14.14 -23.38 0.55
CA GLY A 9 -15.48 -22.83 0.96
C GLY A 9 -15.41 -21.32 1.18
N PRO A 10 -16.31 -20.78 2.01
CA PRO A 10 -16.34 -19.35 2.35
C PRO A 10 -15.07 -18.90 3.07
N SER A 11 -14.72 -17.62 2.90
CA SER A 11 -13.66 -17.06 3.71
C SER A 11 -14.10 -15.76 4.39
N VAL A 12 -13.51 -15.50 5.55
CA VAL A 12 -13.98 -14.45 6.44
C VAL A 12 -12.85 -13.49 6.74
N PHE A 13 -13.13 -12.19 6.61
CA PHE A 13 -12.14 -11.18 6.92
C PHE A 13 -12.71 -10.19 7.92
N ILE A 14 -11.87 -9.70 8.80
CA ILE A 14 -12.33 -8.82 9.88
C ILE A 14 -11.57 -7.53 9.76
N PHE A 15 -12.26 -6.41 10.00
CA PHE A 15 -11.68 -5.09 9.78
C PHE A 15 -11.91 -4.13 10.94
N PRO A 16 -10.91 -3.30 11.24
CA PRO A 16 -11.03 -2.42 12.39
C PRO A 16 -11.94 -1.22 12.10
N PRO A 17 -12.35 -0.47 13.16
CA PRO A 17 -13.07 0.78 12.87
C PRO A 17 -12.18 1.74 12.08
N ASN A 18 -12.76 2.73 11.40
CA ASN A 18 -11.99 3.83 10.78
C ASN A 18 -11.36 4.72 11.86
N ILE A 19 -10.10 5.12 11.65
CA ILE A 19 -9.41 5.89 12.69
C ILE A 19 -10.11 7.23 13.02
N LYS A 20 -10.73 7.88 12.03
CA LYS A 20 -11.53 9.09 12.29
C LYS A 20 -12.73 8.83 13.21
N ASP A 21 -13.48 7.76 12.97
CA ASP A 21 -14.57 7.40 13.89
C ASP A 21 -14.04 7.20 15.29
N VAL A 22 -12.96 6.42 15.43
CA VAL A 22 -12.29 6.17 16.73
C VAL A 22 -11.92 7.44 17.49
N LEU A 23 -11.47 8.48 16.75
CA LEU A 23 -10.98 9.74 17.31
C LEU A 23 -11.96 10.92 17.37
N MET A 24 -13.22 10.71 17.01
CA MET A 24 -14.23 11.76 17.18
C MET A 24 -15.38 11.16 17.95
N ILE A 25 -15.61 11.70 19.15
CA ILE A 25 -16.66 11.21 20.02
C ILE A 25 -18.08 11.24 19.44
N SER A 26 -18.35 12.10 18.47
CA SER A 26 -19.69 12.19 17.84
C SER A 26 -19.94 11.14 16.76
N LEU A 27 -18.91 10.40 16.37
CA LEU A 27 -19.01 9.38 15.34
C LEU A 27 -18.95 8.00 16.00
N THR A 28 -19.59 7.02 15.38
CA THR A 28 -19.68 5.67 15.93
C THR A 28 -18.63 4.80 15.23
N PRO A 29 -17.64 4.27 15.99
CA PRO A 29 -16.67 3.35 15.39
C PRO A 29 -17.30 1.98 15.20
N LYS A 30 -16.86 1.25 14.18
CA LYS A 30 -17.53 0.02 13.80
C LYS A 30 -16.53 -1.04 13.42
N VAL A 31 -16.71 -2.24 13.96
CA VAL A 31 -15.95 -3.37 13.50
C VAL A 31 -16.74 -4.09 12.39
N THR A 32 -16.05 -4.53 11.34
CA THR A 32 -16.70 -5.15 10.18
C THR A 32 -16.17 -6.57 9.91
N CYS A 33 -17.08 -7.54 9.80
CA CYS A 33 -16.76 -8.91 9.42
C CYS A 33 -17.41 -9.15 8.06
N VAL A 34 -16.61 -9.60 7.10
CA VAL A 34 -17.07 -9.82 5.73
C VAL A 34 -16.86 -11.30 5.38
N VAL A 35 -17.90 -11.94 4.90
CA VAL A 35 -17.81 -13.32 4.44
C VAL A 35 -17.93 -13.29 2.93
N VAL A 36 -16.96 -13.89 2.23
CA VAL A 36 -17.02 -13.99 0.77
C VAL A 36 -17.01 -15.44 0.34
N ASP A 37 -17.31 -15.62 -0.96
CA ASP A 37 -17.34 -16.95 -1.57
C ASP A 37 -18.33 -17.86 -0.87
N VAL A 38 -19.46 -17.28 -0.47
CA VAL A 38 -20.58 -18.05 -0.03
C VAL A 38 -21.29 -18.54 -1.31
N SER A 39 -21.67 -19.82 -1.31
CA SER A 39 -22.35 -20.44 -2.43
C SER A 39 -23.77 -19.93 -2.57
N GLU A 40 -24.20 -19.74 -3.83
CA GLU A 40 -25.58 -19.32 -4.09
C GLU A 40 -26.64 -20.39 -3.72
N ASP A 41 -26.23 -21.65 -3.60
CA ASP A 41 -27.18 -22.71 -3.22
C ASP A 41 -27.26 -22.95 -1.70
N ASP A 42 -26.42 -22.26 -0.94
CA ASP A 42 -26.50 -22.21 0.53
C ASP A 42 -26.20 -20.80 1.10
N PRO A 43 -27.07 -19.82 0.79
CA PRO A 43 -26.80 -18.41 1.12
C PRO A 43 -26.80 -18.09 2.63
N ASP A 44 -27.59 -18.81 3.42
CA ASP A 44 -27.71 -18.54 4.85
C ASP A 44 -26.37 -18.65 5.54
N VAL A 45 -26.01 -17.62 6.28
CA VAL A 45 -24.79 -17.52 7.08
C VAL A 45 -25.25 -16.99 8.44
N GLN A 46 -24.72 -17.55 9.52
CA GLN A 46 -24.99 -17.03 10.86
C GLN A 46 -23.70 -16.39 11.41
N ILE A 47 -23.78 -15.12 11.75
CA ILE A 47 -22.64 -14.39 12.28
C ILE A 47 -22.96 -14.04 13.72
N SER A 48 -22.10 -14.46 14.64
CA SER A 48 -22.26 -13.98 16.00
C SER A 48 -21.03 -13.20 16.36
N TRP A 49 -21.23 -12.25 17.27
CA TRP A 49 -20.20 -11.31 17.68
C TRP A 49 -19.98 -11.41 19.18
N PHE A 50 -18.74 -11.20 19.58
CA PHE A 50 -18.30 -11.29 20.95
C PHE A 50 -17.37 -10.12 21.26
N VAL A 51 -17.57 -9.49 22.41
CA VAL A 51 -16.67 -8.45 22.89
C VAL A 51 -16.04 -8.98 24.19
N ASN A 52 -14.74 -9.25 24.16
CA ASN A 52 -14.06 -9.93 25.27
C ASN A 52 -14.76 -11.23 25.66
N ASN A 53 -15.16 -12.00 24.65
CA ASN A 53 -15.81 -13.30 24.83
C ASN A 53 -17.23 -13.29 25.40
N VAL A 54 -17.80 -12.10 25.63
CA VAL A 54 -19.24 -12.04 25.91
C VAL A 54 -20.05 -11.65 24.64
N GLU A 55 -21.09 -12.43 24.34
CA GLU A 55 -21.86 -12.27 23.11
C GLU A 55 -22.73 -11.02 23.11
N VAL A 56 -22.78 -10.35 21.96
CA VAL A 56 -23.57 -9.14 21.74
C VAL A 56 -24.48 -9.31 20.54
N HIS A 57 -25.63 -8.65 20.57
CA HIS A 57 -26.59 -8.82 19.51
C HIS A 57 -26.90 -7.50 18.85
N THR A 58 -25.89 -6.62 18.80
CA THR A 58 -26.09 -5.24 18.31
C THR A 58 -25.70 -5.01 16.85
N ALA A 59 -25.19 -6.05 16.18
CA ALA A 59 -24.68 -5.90 14.81
C ALA A 59 -25.77 -5.89 13.77
N GLN A 60 -25.54 -5.16 12.68
CA GLN A 60 -26.38 -5.22 11.48
C GLN A 60 -25.69 -6.06 10.40
N THR A 61 -26.36 -7.10 9.91
CA THR A 61 -25.80 -8.04 8.93
C THR A 61 -26.56 -7.95 7.59
N GLN A 62 -25.85 -7.75 6.48
CA GLN A 62 -26.46 -7.64 5.13
C GLN A 62 -25.91 -8.73 4.19
N THR A 63 -26.78 -9.34 3.37
CA THR A 63 -26.38 -10.30 2.35
C THR A 63 -26.70 -9.72 0.97
N HIS A 64 -25.82 -10.00 0.00
CA HIS A 64 -25.95 -9.50 -1.37
C HIS A 64 -25.36 -10.55 -2.31
N ARG A 65 -26.00 -10.81 -3.43
CA ARG A 65 -25.39 -11.66 -4.44
C ARG A 65 -24.39 -10.83 -5.23
N GLU A 66 -23.21 -11.41 -5.46
CA GLU A 66 -22.20 -10.77 -6.29
C GLU A 66 -22.35 -11.34 -7.70
N ASP A 67 -23.13 -10.63 -8.52
CA ASP A 67 -23.50 -11.15 -9.84
C ASP A 67 -22.31 -11.27 -10.78
N TYR A 68 -21.29 -10.46 -10.53
CA TYR A 68 -20.09 -10.48 -11.38
C TYR A 68 -19.23 -11.72 -11.25
N ASN A 69 -19.36 -12.45 -10.14
CA ASN A 69 -18.64 -13.73 -9.98
C ASN A 69 -19.41 -14.87 -9.33
N SER A 70 -20.74 -14.78 -9.36
CA SER A 70 -21.64 -15.86 -8.97
C SER A 70 -21.43 -16.37 -7.54
N THR A 71 -21.25 -15.43 -6.60
CA THR A 71 -21.08 -15.80 -5.19
C THR A 71 -21.93 -14.90 -4.32
N ILE A 72 -22.10 -15.31 -3.06
CA ILE A 72 -22.81 -14.50 -2.05
C ILE A 72 -21.76 -13.81 -1.18
N ARG A 73 -22.04 -12.55 -0.81
CA ARG A 73 -21.18 -11.76 0.07
C ARG A 73 -22.03 -11.31 1.24
N VAL A 74 -21.50 -11.44 2.45
CA VAL A 74 -22.23 -11.06 3.70
C VAL A 74 -21.36 -10.08 4.48
N VAL A 75 -21.95 -8.98 4.88
CA VAL A 75 -21.24 -7.97 5.64
C VAL A 75 -21.95 -7.76 6.99
N SER A 76 -21.25 -8.07 8.08
CA SER A 76 -21.74 -7.77 9.43
C SER A 76 -20.94 -6.59 10.01
N THR A 77 -21.66 -5.58 10.49
CA THR A 77 -21.08 -4.34 11.01
C THR A 77 -21.47 -4.17 12.49
N LEU A 78 -20.47 -4.20 13.38
CA LEU A 78 -20.71 -4.15 14.84
C LEU A 78 -20.33 -2.77 15.39
N PRO A 79 -21.31 -2.02 15.90
CA PRO A 79 -20.99 -0.73 16.47
C PRO A 79 -20.33 -0.94 17.83
N ILE A 80 -19.29 -0.15 18.13
CA ILE A 80 -18.52 -0.34 19.36
C ILE A 80 -18.35 0.96 20.15
N GLN A 81 -17.99 0.82 21.43
CA GLN A 81 -17.71 1.99 22.25
C GLN A 81 -16.29 2.40 22.04
N HIS A 82 -16.07 3.71 21.93
CA HIS A 82 -14.73 4.28 21.80
C HIS A 82 -13.78 3.73 22.86
N GLN A 83 -14.17 3.80 24.14
CA GLN A 83 -13.34 3.34 25.27
C GLN A 83 -12.97 1.86 25.17
N ASP A 84 -13.90 1.04 24.66
CA ASP A 84 -13.68 -0.41 24.43
C ASP A 84 -12.58 -0.64 23.39
N TRP A 85 -12.65 0.08 22.28
CA TRP A 85 -11.58 -0.01 21.29
C TRP A 85 -10.29 0.44 21.95
N MET A 86 -10.29 1.66 22.48
CA MET A 86 -9.08 2.31 23.00
C MET A 86 -8.41 1.59 24.17
N SER A 87 -9.20 0.90 24.98
CA SER A 87 -8.70 0.16 26.14
C SER A 87 -8.25 -1.26 25.79
N GLY A 88 -8.45 -1.63 24.53
CA GLY A 88 -7.92 -2.89 24.00
C GLY A 88 -8.78 -4.14 24.16
N LYS A 89 -10.10 -3.98 24.25
CA LYS A 89 -11.00 -5.15 24.19
C LYS A 89 -10.86 -5.84 22.83
N GLU A 90 -11.07 -7.16 22.84
CA GLU A 90 -11.00 -7.97 21.64
C GLU A 90 -12.41 -8.09 21.13
N PHE A 91 -12.59 -7.91 19.82
CA PHE A 91 -13.88 -8.01 19.18
C PHE A 91 -13.80 -9.21 18.27
N LYS A 92 -14.79 -10.08 18.36
CA LYS A 92 -14.72 -11.37 17.66
C LYS A 92 -15.97 -11.70 16.90
N CYS A 93 -15.81 -12.10 15.63
CA CYS A 93 -16.93 -12.65 14.86
C CYS A 93 -16.80 -14.14 14.66
N LYS A 94 -17.92 -14.85 14.74
CA LYS A 94 -17.95 -16.29 14.51
C LYS A 94 -18.95 -16.51 13.40
N VAL A 95 -18.54 -17.22 12.37
CA VAL A 95 -19.33 -17.39 11.15
C VAL A 95 -19.70 -18.86 10.89
N ASN A 96 -21.00 -19.12 10.79
CA ASN A 96 -21.50 -20.44 10.45
C ASN A 96 -22.16 -20.44 9.07
N ASN A 97 -21.78 -21.45 8.26
CA ASN A 97 -22.43 -21.71 6.96
C ASN A 97 -22.45 -23.23 6.77
N LYS A 98 -23.40 -23.74 5.98
CA LYS A 98 -23.49 -25.17 5.63
C LYS A 98 -22.23 -25.72 4.93
N ASP A 99 -21.47 -24.85 4.27
CA ASP A 99 -20.25 -25.26 3.57
C ASP A 99 -19.00 -25.17 4.45
N LEU A 100 -19.20 -24.86 5.73
CA LEU A 100 -18.10 -24.89 6.69
C LEU A 100 -18.17 -26.16 7.56
N PRO A 101 -17.07 -26.93 7.60
CA PRO A 101 -16.99 -28.10 8.50
C PRO A 101 -17.14 -27.66 9.97
N SER A 102 -16.48 -26.57 10.31
CA SER A 102 -16.58 -25.95 11.62
C SER A 102 -16.55 -24.41 11.46
N PRO A 103 -17.24 -23.69 12.38
CA PRO A 103 -17.28 -22.23 12.46
C PRO A 103 -15.94 -21.52 12.28
N ILE A 104 -15.93 -20.45 11.50
CA ILE A 104 -14.72 -19.62 11.34
C ILE A 104 -14.80 -18.46 12.32
N GLU A 105 -13.72 -18.23 13.05
CA GLU A 105 -13.66 -17.15 14.03
C GLU A 105 -12.54 -16.20 13.66
N ARG A 106 -12.82 -14.89 13.67
CA ARG A 106 -11.80 -13.86 13.48
C ARG A 106 -11.87 -12.89 14.64
N THR A 107 -10.72 -12.41 15.12
CA THR A 107 -10.72 -11.49 16.24
C THR A 107 -9.79 -10.35 15.93
N ILE A 108 -10.15 -9.18 16.43
CA ILE A 108 -9.34 -7.99 16.26
C ILE A 108 -9.35 -7.15 17.54
N SER A 109 -8.29 -6.38 17.77
CA SER A 109 -8.23 -5.45 18.89
C SER A 109 -7.26 -4.34 18.55
N LYS A 110 -7.31 -3.25 19.31
CA LYS A 110 -6.29 -2.22 19.17
C LYS A 110 -5.01 -2.73 19.81
N ILE A 111 -3.95 -2.82 19.02
CA ILE A 111 -2.65 -3.26 19.51
C ILE A 111 -1.98 -2.14 20.32
N LYS A 112 -1.43 -2.51 21.47
CA LYS A 112 -0.74 -1.57 22.33
C LYS A 112 0.67 -1.30 21.82
N GLY A 113 1.10 -0.05 21.93
CA GLY A 113 2.38 0.38 21.34
C GLY A 113 2.77 1.78 21.73
N LEU A 114 3.94 2.20 21.25
CA LEU A 114 4.36 3.58 21.39
C LEU A 114 3.42 4.52 20.63
N VAL A 115 3.30 5.73 21.18
CA VAL A 115 2.50 6.75 20.60
C VAL A 115 3.40 7.95 20.33
N ARG A 116 3.40 8.43 19.07
CA ARG A 116 4.19 9.59 18.70
C ARG A 116 3.37 10.46 17.77
N ALA A 117 3.34 11.74 18.08
CA ALA A 117 2.60 12.72 17.33
C ALA A 117 3.28 13.08 16.02
N PRO A 118 2.49 13.22 14.93
CA PRO A 118 3.02 13.63 13.63
C PRO A 118 3.44 15.08 13.63
N GLN A 119 4.43 15.44 12.82
CA GLN A 119 4.62 16.83 12.39
C GLN A 119 3.82 16.97 11.10
N VAL A 120 3.20 18.11 10.89
CA VAL A 120 2.42 18.32 9.69
C VAL A 120 3.04 19.46 8.89
N TYR A 121 3.33 19.23 7.61
CA TYR A 121 3.85 20.24 6.74
C TYR A 121 3.00 20.31 5.49
N ILE A 122 2.91 21.50 4.90
CA ILE A 122 2.28 21.66 3.57
C ILE A 122 3.34 22.22 2.64
N LEU A 123 3.49 21.55 1.50
CA LEU A 123 4.46 21.94 0.47
C LEU A 123 3.70 22.53 -0.71
N PRO A 124 4.03 23.77 -1.12
CA PRO A 124 3.31 24.36 -2.27
C PRO A 124 3.56 23.59 -3.56
N PRO A 125 2.80 23.91 -4.63
CA PRO A 125 3.06 23.25 -5.91
C PRO A 125 4.48 23.54 -6.43
N PRO A 126 5.17 22.51 -6.98
CA PRO A 126 6.53 22.73 -7.49
C PRO A 126 6.55 23.81 -8.55
N ALA A 127 7.61 24.62 -8.58
CA ALA A 127 7.72 25.73 -9.53
C ALA A 127 7.41 25.37 -10.98
N GLU A 128 7.91 24.23 -11.46
CA GLU A 128 7.73 23.82 -12.86
C GLU A 128 6.30 23.37 -13.17
N GLN A 129 5.45 23.34 -12.14
CA GLN A 129 4.06 22.94 -12.31
C GLN A 129 3.17 24.16 -12.41
N LEU A 130 3.68 25.30 -12.00
CA LEU A 130 2.91 26.54 -12.00
C LEU A 130 2.54 27.00 -13.40
N SER A 131 3.27 26.49 -14.40
CA SER A 131 3.04 26.84 -15.81
C SER A 131 1.87 26.07 -16.40
N ARG A 132 1.51 24.94 -15.77
CA ARG A 132 0.42 24.11 -16.25
C ARG A 132 -0.90 24.66 -15.77
N LYS A 133 -1.99 24.00 -16.17
CA LYS A 133 -3.33 24.44 -15.85
C LYS A 133 -3.86 23.83 -14.55
N ASP A 134 -3.31 22.66 -14.17
CA ASP A 134 -3.64 22.01 -12.90
C ASP A 134 -2.38 21.88 -12.04
N VAL A 135 -2.53 22.13 -10.73
CA VAL A 135 -1.44 22.02 -9.74
C VAL A 135 -1.73 20.98 -8.63
N SER A 136 -0.66 20.55 -7.96
CA SER A 136 -0.68 19.60 -6.84
C SER A 136 -0.23 20.32 -5.57
N LEU A 137 -1.08 20.29 -4.54
CA LEU A 137 -0.74 20.74 -3.18
C LEU A 137 -0.56 19.51 -2.28
N THR A 138 0.54 19.48 -1.54
CA THR A 138 0.98 18.30 -0.84
C THR A 138 0.92 18.53 0.69
N CYS A 139 0.24 17.65 1.40
CA CYS A 139 0.41 17.58 2.88
C CYS A 139 1.36 16.43 3.23
N LEU A 140 2.49 16.76 3.85
CA LEU A 140 3.42 15.75 4.37
C LEU A 140 3.19 15.65 5.88
N VAL A 141 2.76 14.47 6.32
CA VAL A 141 2.59 14.19 7.73
C VAL A 141 3.66 13.11 8.05
N VAL A 142 4.49 13.39 9.04
CA VAL A 142 5.69 12.58 9.23
C VAL A 142 5.92 12.37 10.74
N GLY A 143 6.55 11.27 11.11
CA GLY A 143 7.01 11.07 12.51
C GLY A 143 6.03 10.53 13.51
N PHE A 144 5.02 9.79 13.05
CA PHE A 144 3.93 9.36 13.91
C PHE A 144 3.89 7.83 14.16
N ASN A 145 3.42 7.47 15.34
CA ASN A 145 3.15 6.08 15.76
C ASN A 145 1.87 6.06 16.60
N PRO A 146 1.00 5.07 16.39
CA PRO A 146 1.08 4.02 15.36
C PRO A 146 0.71 4.58 13.96
N GLY A 147 0.78 3.74 12.94
CA GLY A 147 0.46 4.14 11.57
C GLY A 147 -1.02 4.15 11.16
N ASP A 148 -1.86 4.73 11.99
CA ASP A 148 -3.28 4.89 11.70
C ASP A 148 -3.52 6.39 11.81
N ILE A 149 -4.02 6.98 10.74
CA ILE A 149 -4.13 8.43 10.71
C ILE A 149 -5.22 8.81 9.73
N SER A 150 -5.84 9.94 10.02
CA SER A 150 -6.80 10.55 9.10
C SER A 150 -6.26 11.89 8.59
N VAL A 151 -6.32 12.08 7.28
CA VAL A 151 -5.90 13.34 6.66
C VAL A 151 -6.96 13.78 5.62
N GLU A 152 -7.49 14.98 5.81
CA GLU A 152 -8.54 15.54 4.97
C GLU A 152 -8.27 17.01 4.67
N TRP A 153 -8.93 17.52 3.63
CA TRP A 153 -8.62 18.83 3.10
C TRP A 153 -9.81 19.76 3.16
N THR A 154 -9.57 20.99 3.60
CA THR A 154 -10.54 22.07 3.46
C THR A 154 -9.92 23.32 2.78
N SER A 155 -10.78 24.17 2.25
CA SER A 155 -10.39 25.53 1.87
C SER A 155 -11.48 26.46 2.44
N ASN A 156 -11.11 27.31 3.38
CA ASN A 156 -12.01 28.27 4.05
C ASN A 156 -13.27 27.66 4.72
N GLY A 157 -13.09 26.55 5.43
CA GLY A 157 -14.20 25.81 6.02
C GLY A 157 -14.96 24.90 5.05
N HIS A 158 -14.66 25.05 3.76
CA HIS A 158 -15.29 24.27 2.69
CA HIS A 158 -15.31 24.25 2.71
C HIS A 158 -14.56 22.92 2.54
N THR A 159 -15.32 21.84 2.37
CA THR A 159 -14.77 20.50 2.17
C THR A 159 -14.18 20.33 0.74
N GLU A 160 -12.91 19.94 0.67
CA GLU A 160 -12.26 19.62 -0.61
C GLU A 160 -12.24 18.10 -0.82
N GLU A 161 -12.73 17.63 -1.96
CA GLU A 161 -12.87 16.19 -2.15
C GLU A 161 -11.93 15.59 -3.20
N ASN A 162 -11.25 16.46 -3.96
CA ASN A 162 -10.33 15.99 -5.01
C ASN A 162 -8.90 15.79 -4.52
N TYR A 163 -8.74 14.82 -3.62
CA TYR A 163 -7.44 14.49 -3.06
C TYR A 163 -7.32 13.00 -2.83
N LYS A 164 -6.08 12.54 -2.81
CA LYS A 164 -5.74 11.16 -2.54
C LYS A 164 -4.57 11.16 -1.57
N ASP A 165 -4.62 10.24 -0.61
CA ASP A 165 -3.61 10.07 0.44
C ASP A 165 -2.80 8.82 -0.02
N THR A 166 -1.55 8.72 0.41
CA THR A 166 -0.86 7.46 0.27
C THR A 166 -1.26 6.62 1.49
N ALA A 167 -0.95 5.35 1.54
CA ALA A 167 -1.21 4.64 2.80
C ALA A 167 -0.08 5.08 3.74
N PRO A 168 -0.23 4.89 5.06
CA PRO A 168 0.95 5.23 5.87
C PRO A 168 2.13 4.32 5.54
N VAL A 169 3.34 4.89 5.41
CA VAL A 169 4.56 4.11 5.14
C VAL A 169 5.53 4.12 6.33
N LEU A 170 6.04 2.95 6.70
CA LEU A 170 7.03 2.83 7.79
C LEU A 170 8.35 3.45 7.35
N ASP A 171 8.78 4.48 8.07
CA ASP A 171 9.94 5.26 7.67
C ASP A 171 11.23 4.66 8.20
N SER A 172 12.33 5.35 7.90
CA SER A 172 13.71 4.97 8.30
C SER A 172 13.91 4.93 9.81
N ASP A 173 13.34 5.91 10.51
CA ASP A 173 13.49 6.09 11.95
C ASP A 173 12.51 5.27 12.80
N GLY A 174 11.85 4.27 12.20
CA GLY A 174 10.81 3.47 12.90
C GLY A 174 9.43 4.10 13.01
N SER A 175 9.29 5.33 12.51
CA SER A 175 7.95 5.97 12.51
C SER A 175 7.25 5.91 11.15
N TYR A 176 6.04 6.44 11.08
CA TYR A 176 5.29 6.40 9.82
C TYR A 176 5.25 7.75 9.13
N PHE A 177 5.11 7.75 7.81
CA PHE A 177 4.78 8.99 7.12
C PHE A 177 3.64 8.76 6.14
N ILE A 178 2.91 9.82 5.84
CA ILE A 178 1.88 9.78 4.81
C ILE A 178 2.00 11.05 3.98
N TYR A 179 1.70 10.96 2.68
CA TYR A 179 1.52 12.18 1.85
C TYR A 179 0.10 12.23 1.34
N SER A 180 -0.46 13.43 1.29
CA SER A 180 -1.82 13.65 0.79
C SER A 180 -1.68 14.68 -0.31
N LYS A 181 -2.32 14.43 -1.45
CA LYS A 181 -2.16 15.28 -2.64
C LYS A 181 -3.51 15.85 -3.06
N LEU A 182 -3.65 17.16 -2.94
CA LEU A 182 -4.86 17.88 -3.33
C LEU A 182 -4.71 18.38 -4.76
N ASN A 183 -5.63 17.99 -5.63
CA ASN A 183 -5.55 18.41 -7.03
C ASN A 183 -6.52 19.55 -7.30
N MET A 184 -6.06 20.56 -8.05
CA MET A 184 -6.88 21.74 -8.37
C MET A 184 -6.34 22.52 -9.58
N LYS A 185 -7.22 23.28 -10.25
CA LYS A 185 -6.82 24.24 -11.29
C LYS A 185 -5.81 25.23 -10.76
N THR A 186 -4.88 25.66 -11.60
CA THR A 186 -3.89 26.65 -11.18
C THR A 186 -4.55 27.96 -10.70
N SER A 187 -5.64 28.35 -11.33
CA SER A 187 -6.37 29.57 -10.92
C SER A 187 -6.87 29.47 -9.47
N LYS A 188 -7.56 28.37 -9.16
CA LYS A 188 -8.00 28.07 -7.79
C LYS A 188 -6.89 28.25 -6.78
N TRP A 189 -5.73 27.65 -7.07
CA TRP A 189 -4.55 27.84 -6.22
C TRP A 189 -4.17 29.31 -6.00
N GLU A 190 -4.25 30.13 -7.05
CA GLU A 190 -3.78 31.51 -6.98
C GLU A 190 -4.81 32.44 -6.35
N LYS A 191 -6.10 32.16 -6.55
CA LYS A 191 -7.16 33.03 -6.09
C LYS A 191 -7.68 32.71 -4.68
N THR A 192 -7.60 31.44 -4.26
CA THR A 192 -8.15 30.98 -2.98
C THR A 192 -7.31 31.54 -1.81
N ASP A 193 -7.99 31.97 -0.75
CA ASP A 193 -7.32 32.62 0.37
C ASP A 193 -6.48 31.62 1.18
N SER A 194 -7.03 30.43 1.41
CA SER A 194 -6.35 29.46 2.27
C SER A 194 -6.70 28.01 1.96
N PHE A 195 -5.76 27.13 2.27
CA PHE A 195 -5.98 25.69 2.21
C PHE A 195 -5.49 25.08 3.51
N SER A 196 -6.25 24.12 4.03
CA SER A 196 -5.93 23.49 5.30
C SER A 196 -5.84 21.99 5.21
N CYS A 197 -4.77 21.46 5.77
CA CYS A 197 -4.59 20.04 5.99
C CYS A 197 -5.03 19.69 7.42
N ASN A 198 -6.11 18.90 7.56
CA ASN A 198 -6.72 18.54 8.82
C ASN A 198 -6.34 17.11 9.21
N VAL A 199 -5.58 16.96 10.30
CA VAL A 199 -4.96 15.68 10.67
C VAL A 199 -5.54 15.15 11.97
N ARG A 200 -5.97 13.88 11.97
CA ARG A 200 -6.48 13.25 13.18
C ARG A 200 -5.65 12.02 13.49
N HIS A 201 -5.10 12.00 14.70
CA HIS A 201 -4.16 10.99 15.13
C HIS A 201 -4.17 10.96 16.66
N GLU A 202 -3.99 9.78 17.24
CA GLU A 202 -4.12 9.62 18.68
C GLU A 202 -2.96 10.24 19.46
N GLY A 203 -1.88 10.59 18.77
CA GLY A 203 -0.73 11.22 19.40
C GLY A 203 -0.88 12.71 19.57
N LEU A 204 -1.88 13.27 18.88
CA LEU A 204 -2.12 14.73 18.85
C LEU A 204 -2.94 15.18 20.06
N LYS A 205 -2.64 16.37 20.59
CA LYS A 205 -3.50 17.04 21.57
C LYS A 205 -4.86 17.24 20.95
N ASN A 206 -5.91 16.77 21.64
CA ASN A 206 -7.29 16.88 21.17
C ASN A 206 -7.56 16.03 19.90
N TYR A 207 -6.64 15.10 19.63
CA TYR A 207 -6.66 14.20 18.47
C TYR A 207 -6.79 14.89 17.14
N TYR A 208 -6.26 16.11 17.01
CA TYR A 208 -6.57 16.98 15.88
C TYR A 208 -5.58 18.13 15.74
N LEU A 209 -5.09 18.33 14.52
CA LEU A 209 -4.25 19.50 14.19
C LEU A 209 -4.59 19.92 12.78
N LYS A 210 -4.63 21.22 12.57
CA LYS A 210 -4.96 21.80 11.29
C LYS A 210 -3.77 22.63 10.88
N LYS A 211 -3.23 22.36 9.69
CA LYS A 211 -2.21 23.26 9.13
C LYS A 211 -2.81 24.00 7.94
N THR A 212 -2.40 25.25 7.75
CA THR A 212 -3.04 26.14 6.77
C THR A 212 -1.99 26.81 5.88
N ILE A 213 -2.30 26.98 4.59
CA ILE A 213 -1.38 27.63 3.65
C ILE A 213 -2.07 28.63 2.74
N SER A 214 -1.33 29.67 2.35
CA SER A 214 -1.65 30.56 1.22
C SER A 214 -0.59 30.54 0.11
N GLY B 9 -2.74 -27.16 4.11
CA GLY B 9 -1.73 -27.46 3.04
C GLY B 9 -0.94 -26.20 2.67
N PRO B 10 0.03 -26.33 1.76
CA PRO B 10 0.88 -25.23 1.33
C PRO B 10 0.17 -24.24 0.43
N SER B 11 0.63 -22.99 0.47
CA SER B 11 0.11 -21.93 -0.37
C SER B 11 1.21 -21.52 -1.33
N VAL B 12 0.82 -21.12 -2.52
CA VAL B 12 1.78 -20.73 -3.53
C VAL B 12 1.45 -19.32 -4.01
N PHE B 13 2.48 -18.47 -4.06
CA PHE B 13 2.35 -17.13 -4.60
C PHE B 13 3.35 -16.94 -5.71
N ILE B 14 2.93 -16.20 -6.74
CA ILE B 14 3.79 -15.91 -7.89
C ILE B 14 3.97 -14.40 -7.98
N PHE B 15 5.20 -13.98 -8.28
CA PHE B 15 5.51 -12.54 -8.27
C PHE B 15 6.20 -12.10 -9.56
N PRO B 16 5.91 -10.88 -10.04
CA PRO B 16 6.51 -10.44 -11.30
C PRO B 16 7.97 -9.97 -11.18
N PRO B 17 8.65 -9.77 -12.33
CA PRO B 17 9.97 -9.16 -12.23
C PRO B 17 9.87 -7.76 -11.63
N ASN B 18 10.97 -7.28 -11.07
CA ASN B 18 11.09 -5.91 -10.61
C ASN B 18 11.15 -5.03 -11.85
N ILE B 19 10.38 -3.94 -11.85
CA ILE B 19 10.32 -3.08 -13.02
C ILE B 19 11.70 -2.52 -13.39
N LYS B 20 12.57 -2.30 -12.41
CA LYS B 20 13.91 -1.78 -12.75
C LYS B 20 14.68 -2.78 -13.63
N ASP B 21 14.58 -4.07 -13.30
CA ASP B 21 15.21 -5.15 -14.06
C ASP B 21 14.60 -5.26 -15.45
N VAL B 22 13.28 -5.10 -15.52
CA VAL B 22 12.54 -5.14 -16.78
C VAL B 22 13.05 -4.06 -17.72
N LEU B 23 13.33 -2.88 -17.16
CA LEU B 23 13.59 -1.66 -17.94
C LEU B 23 15.05 -1.30 -18.19
N MET B 24 15.96 -2.13 -17.68
CA MET B 24 17.38 -1.99 -17.93
C MET B 24 17.88 -3.27 -18.58
N ILE B 25 18.41 -3.14 -19.79
CA ILE B 25 18.84 -4.29 -20.59
C ILE B 25 20.03 -5.07 -19.99
N SER B 26 20.79 -4.43 -19.10
CA SER B 26 21.95 -5.06 -18.49
C SER B 26 21.58 -5.89 -17.25
N LEU B 27 20.34 -5.78 -16.77
CA LEU B 27 19.90 -6.53 -15.57
C LEU B 27 19.05 -7.70 -15.96
N THR B 28 18.89 -8.69 -15.08
CA THR B 28 18.13 -9.90 -15.43
C THR B 28 16.79 -9.92 -14.72
N PRO B 29 15.67 -9.86 -15.46
CA PRO B 29 14.35 -9.93 -14.85
C PRO B 29 14.07 -11.35 -14.39
N LYS B 30 13.32 -11.51 -13.31
CA LYS B 30 13.09 -12.85 -12.74
C LYS B 30 11.67 -12.97 -12.25
N VAL B 31 10.99 -14.04 -12.65
CA VAL B 31 9.70 -14.36 -12.09
C VAL B 31 9.97 -15.21 -10.86
N THR B 32 9.20 -15.01 -9.79
CA THR B 32 9.39 -15.74 -8.51
C THR B 32 8.10 -16.49 -8.13
N CYS B 33 8.24 -17.74 -7.72
CA CYS B 33 7.18 -18.57 -7.20
C CYS B 33 7.60 -18.94 -5.76
N VAL B 34 6.77 -18.59 -4.77
CA VAL B 34 7.09 -18.86 -3.35
C VAL B 34 6.06 -19.83 -2.80
N VAL B 35 6.55 -20.87 -2.14
CA VAL B 35 5.67 -21.84 -1.51
C VAL B 35 5.87 -21.74 0.00
N VAL B 36 4.80 -21.47 0.74
CA VAL B 36 4.88 -21.36 2.17
C VAL B 36 3.98 -22.43 2.78
N ASP B 37 4.12 -22.58 4.09
CA ASP B 37 3.32 -23.54 4.86
C ASP B 37 3.53 -24.98 4.42
N VAL B 38 4.73 -25.28 3.93
CA VAL B 38 5.13 -26.64 3.69
C VAL B 38 5.49 -27.28 5.03
N SER B 39 5.09 -28.54 5.19
CA SER B 39 5.29 -29.25 6.41
C SER B 39 6.73 -29.69 6.57
N GLU B 40 7.25 -29.61 7.78
CA GLU B 40 8.57 -30.14 8.07
C GLU B 40 8.65 -31.68 7.92
N ASP B 41 7.52 -32.37 8.11
CA ASP B 41 7.40 -33.82 7.85
C ASP B 41 7.48 -34.16 6.35
N ASP B 42 6.95 -33.30 5.47
CA ASP B 42 7.03 -33.48 4.01
C ASP B 42 7.68 -32.29 3.27
N PRO B 43 9.00 -32.13 3.43
CA PRO B 43 9.66 -30.93 2.89
C PRO B 43 9.84 -30.90 1.39
N ASP B 44 9.86 -32.07 0.75
CA ASP B 44 10.14 -32.15 -0.70
C ASP B 44 9.06 -31.47 -1.55
N VAL B 45 9.45 -30.46 -2.29
CA VAL B 45 8.53 -29.75 -3.17
C VAL B 45 9.17 -29.77 -4.56
N GLN B 46 8.39 -30.12 -5.57
N GLN B 46 8.38 -30.13 -5.57
CA GLN B 46 8.84 -30.11 -6.97
CA GLN B 46 8.80 -30.12 -6.97
C GLN B 46 8.20 -28.95 -7.73
C GLN B 46 8.20 -28.91 -7.70
N ILE B 47 9.04 -28.06 -8.27
CA ILE B 47 8.56 -26.89 -8.98
C ILE B 47 8.94 -26.99 -10.46
N SER B 48 7.94 -26.98 -11.32
CA SER B 48 8.14 -26.93 -12.76
C SER B 48 7.71 -25.56 -13.22
N TRP B 49 8.38 -25.04 -14.23
CA TRP B 49 8.06 -23.75 -14.82
C TRP B 49 7.77 -23.91 -16.29
N PHE B 50 6.92 -23.02 -16.82
CA PHE B 50 6.50 -23.02 -18.22
C PHE B 50 6.49 -21.59 -18.75
N VAL B 51 7.01 -21.38 -19.96
CA VAL B 51 6.82 -20.09 -20.63
C VAL B 51 5.90 -20.32 -21.86
N ASN B 52 4.73 -19.70 -21.87
CA ASN B 52 3.71 -20.01 -22.89
C ASN B 52 3.44 -21.50 -23.07
N ASN B 53 3.28 -22.19 -21.93
CA ASN B 53 3.00 -23.63 -21.86
C ASN B 53 4.13 -24.56 -22.29
N VAL B 54 5.31 -23.99 -22.58
CA VAL B 54 6.50 -24.77 -22.85
C VAL B 54 7.39 -24.86 -21.60
N GLU B 55 7.75 -26.07 -21.18
CA GLU B 55 8.50 -26.30 -19.97
C GLU B 55 9.90 -25.82 -20.18
N VAL B 56 10.44 -25.19 -19.13
CA VAL B 56 11.80 -24.65 -19.16
C VAL B 56 12.47 -25.18 -17.91
N HIS B 57 13.79 -25.34 -17.94
CA HIS B 57 14.53 -25.83 -16.78
C HIS B 57 15.61 -24.87 -16.29
N THR B 58 15.35 -23.57 -16.36
CA THR B 58 16.38 -22.57 -16.04
C THR B 58 16.29 -21.99 -14.63
N ALA B 59 15.32 -22.44 -13.84
CA ALA B 59 15.09 -21.88 -12.51
C ALA B 59 16.06 -22.42 -11.48
N GLN B 60 16.33 -21.58 -10.48
CA GLN B 60 17.02 -21.91 -9.23
C GLN B 60 16.00 -21.98 -8.09
N THR B 61 16.03 -23.05 -7.32
CA THR B 61 15.08 -23.26 -6.27
C THR B 61 15.82 -23.45 -4.97
N GLN B 62 15.44 -22.67 -3.95
CA GLN B 62 16.02 -22.75 -2.62
C GLN B 62 14.95 -23.15 -1.60
N THR B 63 15.33 -24.04 -0.66
CA THR B 63 14.44 -24.41 0.41
C THR B 63 15.02 -23.95 1.74
N HIS B 64 14.15 -23.47 2.64
CA HIS B 64 14.56 -22.94 3.94
C HIS B 64 13.52 -23.30 5.04
N ARG B 65 14.00 -23.72 6.20
CA ARG B 65 13.12 -23.89 7.35
C ARG B 65 12.86 -22.53 8.02
N GLU B 66 11.59 -22.20 8.19
CA GLU B 66 11.20 -21.00 8.93
C GLU B 66 11.09 -21.39 10.39
N ASP B 67 12.19 -21.20 11.14
CA ASP B 67 12.26 -21.65 12.53
C ASP B 67 11.24 -20.93 13.42
N TYR B 68 10.88 -19.71 13.04
CA TYR B 68 9.94 -18.89 13.81
C TYR B 68 8.48 -19.36 13.80
N ASN B 69 8.09 -20.16 12.79
CA ASN B 69 6.74 -20.78 12.79
C ASN B 69 6.64 -22.23 12.31
N SER B 70 7.74 -22.99 12.44
CA SER B 70 7.73 -24.43 12.20
C SER B 70 7.13 -24.88 10.85
N THR B 71 7.55 -24.18 9.78
CA THR B 71 7.16 -24.51 8.39
C THR B 71 8.39 -24.38 7.51
N ILE B 72 8.27 -24.97 6.31
CA ILE B 72 9.28 -24.89 5.23
C ILE B 72 8.77 -23.80 4.25
N ARG B 73 9.72 -23.05 3.67
CA ARG B 73 9.48 -22.04 2.66
C ARG B 73 10.40 -22.40 1.48
N VAL B 74 9.81 -22.52 0.30
CA VAL B 74 10.58 -22.84 -0.92
C VAL B 74 10.47 -21.65 -1.83
N VAL B 75 11.59 -21.14 -2.32
CA VAL B 75 11.53 -20.11 -3.37
C VAL B 75 12.23 -20.44 -4.70
N SER B 76 11.45 -20.48 -5.78
CA SER B 76 12.01 -20.71 -7.12
C SER B 76 12.02 -19.38 -7.90
N THR B 77 13.16 -19.07 -8.49
CA THR B 77 13.40 -17.81 -9.25
C THR B 77 13.71 -18.15 -10.74
N LEU B 78 12.80 -17.82 -11.64
CA LEU B 78 12.98 -18.11 -13.06
C LEU B 78 13.55 -16.86 -13.77
N PRO B 79 14.79 -16.91 -14.28
CA PRO B 79 15.26 -15.74 -15.05
C PRO B 79 14.57 -15.73 -16.42
N ILE B 80 14.18 -14.56 -16.91
CA ILE B 80 13.45 -14.45 -18.17
C ILE B 80 14.01 -13.37 -19.13
N GLN B 81 13.62 -13.45 -20.42
CA GLN B 81 14.02 -12.46 -21.42
C GLN B 81 13.13 -11.27 -21.29
N HIS B 82 13.73 -10.07 -21.36
CA HIS B 82 12.98 -8.81 -21.36
C HIS B 82 11.88 -8.83 -22.41
N GLN B 83 12.20 -9.38 -23.58
CA GLN B 83 11.34 -9.35 -24.75
C GLN B 83 10.10 -10.19 -24.51
N ASP B 84 10.28 -11.33 -23.82
CA ASP B 84 9.17 -12.23 -23.43
C ASP B 84 8.23 -11.63 -22.38
N TRP B 85 8.80 -10.89 -21.42
CA TRP B 85 7.96 -10.18 -20.47
C TRP B 85 7.17 -9.10 -21.20
N MET B 86 7.89 -8.22 -21.90
CA MET B 86 7.25 -7.07 -22.58
C MET B 86 6.19 -7.44 -23.62
N SER B 87 6.37 -8.58 -24.30
CA SER B 87 5.49 -9.01 -25.39
C SER B 87 4.27 -9.79 -24.89
N GLY B 88 4.28 -10.13 -23.60
CA GLY B 88 3.11 -10.65 -22.91
C GLY B 88 3.03 -12.15 -22.73
N LYS B 89 4.17 -12.84 -22.81
CA LYS B 89 4.18 -14.28 -22.51
C LYS B 89 3.72 -14.56 -21.10
N GLU B 90 3.21 -15.77 -20.93
CA GLU B 90 2.67 -16.23 -19.67
C GLU B 90 3.67 -17.15 -19.04
N PHE B 91 4.01 -16.82 -17.80
CA PHE B 91 5.03 -17.52 -17.06
C PHE B 91 4.25 -18.23 -15.97
N LYS B 92 4.46 -19.55 -15.89
CA LYS B 92 3.63 -20.41 -15.03
C LYS B 92 4.53 -21.30 -14.21
N CYS B 93 4.25 -21.36 -12.92
CA CYS B 93 4.95 -22.33 -12.07
C CYS B 93 3.92 -23.36 -11.69
N LYS B 94 4.36 -24.61 -11.53
CA LYS B 94 3.50 -25.66 -11.02
C LYS B 94 4.18 -26.40 -9.88
N VAL B 95 3.45 -26.58 -8.79
CA VAL B 95 4.04 -27.04 -7.52
C VAL B 95 3.42 -28.35 -7.07
N ASN B 96 4.28 -29.33 -6.76
CA ASN B 96 3.85 -30.63 -6.24
C ASN B 96 4.45 -30.89 -4.86
N ASN B 97 3.63 -31.38 -3.93
CA ASN B 97 4.07 -31.74 -2.57
C ASN B 97 3.14 -32.84 -2.08
N LYS B 98 3.61 -33.76 -1.25
CA LYS B 98 2.75 -34.82 -0.63
C LYS B 98 1.46 -34.26 0.02
N ASP B 99 1.59 -33.15 0.75
CA ASP B 99 0.44 -32.43 1.35
C ASP B 99 -0.55 -31.87 0.31
N LEU B 100 -0.23 -32.02 -0.98
CA LEU B 100 -1.10 -31.48 -2.03
C LEU B 100 -1.82 -32.60 -2.81
N PRO B 101 -3.17 -32.61 -2.79
CA PRO B 101 -3.99 -33.59 -3.51
C PRO B 101 -3.74 -33.54 -5.02
N SER B 102 -3.78 -32.33 -5.57
CA SER B 102 -3.43 -32.07 -6.97
C SER B 102 -2.41 -30.93 -7.05
N PRO B 103 -1.57 -30.93 -8.11
CA PRO B 103 -0.55 -29.88 -8.21
C PRO B 103 -1.16 -28.47 -8.25
N ILE B 104 -0.47 -27.50 -7.66
CA ILE B 104 -0.93 -26.10 -7.67
C ILE B 104 -0.24 -25.31 -8.77
N GLU B 105 -1.03 -24.62 -9.59
CA GLU B 105 -0.47 -23.77 -10.65
C GLU B 105 -0.73 -22.27 -10.44
N ARG B 106 0.28 -21.46 -10.74
CA ARG B 106 0.12 -20.01 -10.76
C ARG B 106 0.67 -19.48 -12.06
N THR B 107 0.00 -18.50 -12.62
CA THR B 107 0.52 -17.88 -13.83
C THR B 107 0.50 -16.37 -13.72
N ILE B 108 1.41 -15.75 -14.45
CA ILE B 108 1.58 -14.30 -14.44
C ILE B 108 2.10 -13.84 -15.79
N SER B 109 1.70 -12.63 -16.17
CA SER B 109 2.12 -12.01 -17.40
C SER B 109 1.99 -10.51 -17.23
N LYS B 110 2.65 -9.75 -18.09
CA LYS B 110 2.45 -8.33 -18.12
C LYS B 110 1.12 -8.09 -18.80
N ILE B 111 0.23 -7.34 -18.17
CA ILE B 111 -1.07 -7.03 -18.77
C ILE B 111 -0.98 -5.81 -19.69
N LYS B 112 -1.51 -5.97 -20.90
CA LYS B 112 -1.49 -4.91 -21.89
C LYS B 112 -2.39 -3.78 -21.43
N GLY B 113 -2.02 -2.55 -21.76
CA GLY B 113 -2.88 -1.44 -21.40
C GLY B 113 -2.37 -0.10 -21.86
N LEU B 114 -2.90 0.94 -21.22
CA LEU B 114 -2.54 2.31 -21.53
C LEU B 114 -1.14 2.61 -20.97
N VAL B 115 -0.37 3.38 -21.76
CA VAL B 115 0.95 3.82 -21.38
C VAL B 115 0.98 5.36 -21.41
N ARG B 116 1.47 5.94 -20.31
CA ARG B 116 1.61 7.39 -20.15
C ARG B 116 2.80 7.70 -19.27
N ALA B 117 3.63 8.63 -19.74
CA ALA B 117 4.84 9.02 -19.08
C ALA B 117 4.59 9.90 -17.87
N PRO B 118 5.43 9.72 -16.83
CA PRO B 118 5.27 10.54 -15.66
C PRO B 118 5.89 11.90 -15.82
N GLN B 119 5.32 12.87 -15.12
CA GLN B 119 5.98 14.16 -14.91
C GLN B 119 6.72 14.01 -13.59
N VAL B 120 7.95 14.53 -13.51
CA VAL B 120 8.75 14.36 -12.29
C VAL B 120 9.09 15.74 -11.71
N TYR B 121 8.76 15.92 -10.43
CA TYR B 121 9.03 17.18 -9.73
C TYR B 121 9.76 16.89 -8.45
N ILE B 122 10.61 17.83 -8.04
CA ILE B 122 11.32 17.71 -6.76
C ILE B 122 10.88 18.87 -5.89
N LEU B 123 10.34 18.58 -4.71
CA LEU B 123 9.89 19.62 -3.78
C LEU B 123 10.88 19.75 -2.61
N PRO B 124 11.41 20.98 -2.38
CA PRO B 124 12.40 21.12 -1.30
C PRO B 124 11.76 20.90 0.08
N PRO B 125 12.57 20.77 1.15
CA PRO B 125 12.01 20.67 2.49
C PRO B 125 11.17 21.88 2.84
N PRO B 126 10.08 21.67 3.59
CA PRO B 126 9.25 22.79 4.01
C PRO B 126 10.04 23.70 4.93
N ALA B 127 9.88 25.02 4.77
CA ALA B 127 10.50 26.00 5.68
C ALA B 127 10.39 25.63 7.15
N GLU B 128 9.21 25.23 7.61
CA GLU B 128 9.04 24.85 9.04
C GLU B 128 9.95 23.70 9.48
N GLN B 129 10.46 22.91 8.53
CA GLN B 129 11.34 21.76 8.84
C GLN B 129 12.81 22.10 8.95
N LEU B 130 13.18 23.22 8.33
CA LEU B 130 14.58 23.68 8.26
C LEU B 130 15.23 24.06 9.61
N SER B 131 14.44 24.31 10.65
CA SER B 131 14.99 24.56 12.00
C SER B 131 15.30 23.27 12.75
N ARG B 132 14.93 22.15 12.14
CA ARG B 132 15.14 20.86 12.77
C ARG B 132 16.48 20.34 12.35
N LYS B 133 16.92 19.26 12.99
CA LYS B 133 18.23 18.66 12.68
C LYS B 133 18.22 17.72 11.49
N ASP B 134 17.03 17.33 11.06
CA ASP B 134 16.84 16.49 9.87
C ASP B 134 15.79 17.10 8.97
N VAL B 135 15.96 16.92 7.67
CA VAL B 135 15.03 17.40 6.63
C VAL B 135 14.65 16.29 5.64
N SER B 136 13.48 16.43 5.02
CA SER B 136 13.07 15.51 3.98
C SER B 136 12.95 16.22 2.63
N LEU B 137 13.49 15.55 1.62
CA LEU B 137 13.44 16.03 0.27
C LEU B 137 12.48 15.13 -0.48
N THR B 138 11.59 15.75 -1.25
CA THR B 138 10.49 15.01 -1.85
C THR B 138 10.58 15.02 -3.39
N CYS B 139 10.43 13.83 -3.97
CA CYS B 139 10.24 13.67 -5.42
C CYS B 139 8.78 13.26 -5.64
N LEU B 140 8.02 14.08 -6.36
CA LEU B 140 6.65 13.73 -6.72
C LEU B 140 6.64 13.36 -8.20
N VAL B 141 6.30 12.10 -8.46
CA VAL B 141 6.18 11.59 -9.82
C VAL B 141 4.67 11.35 -10.07
N VAL B 142 4.13 12.04 -11.07
CA VAL B 142 2.67 12.06 -11.28
C VAL B 142 2.30 11.72 -12.71
N GLY B 143 1.10 11.21 -12.91
CA GLY B 143 0.53 11.08 -14.25
C GLY B 143 0.97 9.91 -15.10
N PHE B 144 1.37 8.81 -14.46
CA PHE B 144 1.84 7.67 -15.21
C PHE B 144 0.91 6.43 -15.24
N ASN B 145 0.94 5.72 -16.37
CA ASN B 145 0.34 4.39 -16.52
C ASN B 145 1.33 3.54 -17.29
N PRO B 146 1.46 2.24 -16.94
CA PRO B 146 0.81 1.63 -15.78
C PRO B 146 1.54 2.03 -14.47
N GLY B 147 1.05 1.57 -13.34
CA GLY B 147 1.61 1.96 -12.06
C GLY B 147 2.68 1.00 -11.56
N ASP B 148 3.67 0.74 -12.41
CA ASP B 148 4.90 0.02 -12.05
C ASP B 148 6.01 1.01 -12.36
N ILE B 149 6.83 1.33 -11.36
CA ILE B 149 7.78 2.41 -11.52
C ILE B 149 8.94 2.23 -10.57
N SER B 150 10.09 2.75 -10.95
CA SER B 150 11.25 2.74 -10.10
C SER B 150 11.64 4.18 -9.86
N VAL B 151 11.81 4.55 -8.58
CA VAL B 151 12.35 5.88 -8.19
C VAL B 151 13.49 5.69 -7.19
N GLU B 152 14.64 6.22 -7.54
CA GLU B 152 15.83 6.11 -6.72
C GLU B 152 16.50 7.46 -6.62
N TRP B 153 17.31 7.65 -5.57
CA TRP B 153 17.99 8.91 -5.34
C TRP B 153 19.49 8.80 -5.45
N THR B 154 20.10 9.81 -6.07
CA THR B 154 21.54 10.05 -5.98
C THR B 154 21.89 11.47 -5.55
N SER B 155 23.16 11.62 -5.20
CA SER B 155 23.75 12.88 -4.78
C SER B 155 25.09 12.98 -5.51
N ASN B 156 25.16 13.85 -6.52
CA ASN B 156 26.37 14.05 -7.34
C ASN B 156 26.97 12.76 -7.92
N GLY B 157 26.09 11.89 -8.45
CA GLY B 157 26.51 10.56 -8.92
C GLY B 157 26.96 9.59 -7.83
N HIS B 158 26.58 9.89 -6.59
CA HIS B 158 26.74 8.94 -5.49
C HIS B 158 25.36 8.40 -5.14
N THR B 159 25.27 7.11 -4.89
CA THR B 159 24.00 6.47 -4.52
C THR B 159 23.54 6.92 -3.12
N GLU B 160 22.28 7.35 -3.00
CA GLU B 160 21.67 7.63 -1.68
C GLU B 160 20.69 6.53 -1.28
N GLU B 161 20.82 6.02 -0.05
CA GLU B 161 20.04 4.87 0.39
C GLU B 161 18.95 5.16 1.45
N ASN B 162 18.99 6.35 2.07
CA ASN B 162 18.07 6.68 3.14
C ASN B 162 16.82 7.41 2.63
N TYR B 163 16.02 6.68 1.87
CA TYR B 163 14.77 7.16 1.32
C TYR B 163 13.70 6.06 1.34
N LYS B 164 12.43 6.46 1.34
CA LYS B 164 11.31 5.54 1.22
C LYS B 164 10.37 6.08 0.15
N ASP B 165 9.79 5.17 -0.64
CA ASP B 165 8.85 5.51 -1.71
C ASP B 165 7.46 5.16 -1.14
N THR B 166 6.41 5.82 -1.59
CA THR B 166 5.09 5.29 -1.28
C THR B 166 4.74 4.18 -2.30
N ALA B 167 3.68 3.43 -2.08
CA ALA B 167 3.25 2.54 -3.16
C ALA B 167 2.73 3.48 -4.29
N PRO B 168 2.72 3.01 -5.56
CA PRO B 168 2.03 3.87 -6.52
C PRO B 168 0.54 4.01 -6.16
N VAL B 169 -0.01 5.21 -6.25
CA VAL B 169 -1.43 5.40 -5.91
C VAL B 169 -2.25 5.82 -7.13
N LEU B 170 -3.39 5.17 -7.32
CA LEU B 170 -4.34 5.55 -8.36
C LEU B 170 -4.98 6.92 -8.07
N ASP B 171 -4.66 7.87 -8.93
CA ASP B 171 -5.12 9.23 -8.81
C ASP B 171 -6.56 9.36 -9.31
N SER B 172 -7.19 10.49 -8.98
CA SER B 172 -8.54 10.85 -9.44
C SER B 172 -8.71 10.88 -10.97
N ASP B 173 -7.67 11.30 -11.70
CA ASP B 173 -7.67 11.34 -13.17
C ASP B 173 -7.40 9.98 -13.88
N GLY B 174 -7.40 8.87 -13.14
CA GLY B 174 -7.11 7.56 -13.73
C GLY B 174 -5.64 7.17 -13.90
N SER B 175 -4.73 8.11 -13.64
CA SER B 175 -3.31 7.78 -13.66
C SER B 175 -2.80 7.49 -12.25
N TYR B 176 -1.49 7.18 -12.14
CA TYR B 176 -0.83 6.94 -10.86
C TYR B 176 0.11 8.05 -10.42
N PHE B 177 0.28 8.19 -9.11
CA PHE B 177 1.36 9.02 -8.58
C PHE B 177 2.11 8.24 -7.51
N ILE B 178 3.33 8.65 -7.25
CA ILE B 178 4.11 8.10 -6.18
C ILE B 178 4.90 9.28 -5.61
N TYR B 179 5.14 9.23 -4.30
CA TYR B 179 6.06 10.17 -3.67
C TYR B 179 7.21 9.37 -3.14
N SER B 180 8.41 9.91 -3.33
CA SER B 180 9.65 9.37 -2.69
C SER B 180 10.22 10.39 -1.70
N LYS B 181 10.63 9.94 -0.52
CA LYS B 181 11.12 10.85 0.53
C LYS B 181 12.55 10.48 0.93
N LEU B 182 13.51 11.34 0.61
CA LEU B 182 14.92 11.17 1.02
C LEU B 182 15.18 11.86 2.35
N ASN B 183 15.73 11.15 3.34
CA ASN B 183 15.98 11.75 4.64
C ASN B 183 17.47 12.07 4.78
N MET B 184 17.75 13.24 5.34
CA MET B 184 19.14 13.67 5.60
C MET B 184 19.19 14.74 6.71
N LYS B 185 20.27 14.75 7.49
CA LYS B 185 20.52 15.84 8.45
C LYS B 185 20.52 17.14 7.67
N THR B 186 20.04 18.22 8.29
CA THR B 186 19.91 19.53 7.62
C THR B 186 21.23 20.07 7.05
N SER B 187 22.33 19.72 7.71
CA SER B 187 23.67 20.15 7.28
C SER B 187 24.11 19.54 5.95
N LYS B 188 23.64 18.32 5.64
CA LYS B 188 23.89 17.72 4.32
C LYS B 188 23.13 18.50 3.25
N TRP B 189 21.88 18.84 3.56
CA TRP B 189 21.04 19.59 2.64
C TRP B 189 21.60 20.96 2.22
N GLU B 190 22.31 21.64 3.13
CA GLU B 190 23.03 22.88 2.81
C GLU B 190 24.38 22.58 2.14
N LYS B 191 25.11 21.61 2.69
CA LYS B 191 26.45 21.25 2.23
C LYS B 191 26.55 20.70 0.79
N THR B 192 25.45 20.14 0.28
CA THR B 192 25.50 19.35 -0.96
C THR B 192 25.13 20.16 -2.23
N ASP B 193 25.91 19.92 -3.28
CA ASP B 193 25.81 20.66 -4.54
C ASP B 193 24.56 20.35 -5.36
N SER B 194 24.17 19.07 -5.41
CA SER B 194 22.90 18.68 -6.04
C SER B 194 22.34 17.36 -5.53
N PHE B 195 21.05 17.14 -5.75
CA PHE B 195 20.41 15.86 -5.49
C PHE B 195 19.58 15.49 -6.72
N SER B 196 19.52 14.20 -7.03
CA SER B 196 18.78 13.77 -8.21
C SER B 196 17.78 12.66 -7.95
N CYS B 197 16.59 12.81 -8.52
CA CYS B 197 15.52 11.84 -8.52
C CYS B 197 15.61 11.08 -9.86
N ASN B 198 15.88 9.78 -9.80
CA ASN B 198 16.15 8.93 -10.96
C ASN B 198 14.94 8.08 -11.22
N VAL B 199 14.20 8.35 -12.30
CA VAL B 199 12.93 7.65 -12.50
C VAL B 199 12.98 6.68 -13.70
N ARG B 200 12.64 5.41 -13.48
CA ARG B 200 12.51 4.45 -14.55
C ARG B 200 11.07 3.97 -14.76
N HIS B 201 10.57 4.17 -15.96
CA HIS B 201 9.18 3.89 -16.30
C HIS B 201 9.06 3.62 -17.81
N GLU B 202 8.25 2.63 -18.17
CA GLU B 202 8.14 2.23 -19.59
C GLU B 202 7.56 3.32 -20.51
N GLY B 203 6.90 4.32 -19.92
CA GLY B 203 6.31 5.43 -20.66
C GLY B 203 7.32 6.47 -21.07
N LEU B 204 8.52 6.40 -20.49
CA LEU B 204 9.56 7.41 -20.70
C LEU B 204 10.47 7.06 -21.87
N LYS B 205 10.90 8.09 -22.60
CA LYS B 205 11.93 7.94 -23.61
C LYS B 205 13.15 7.37 -22.92
N ASN B 206 13.70 6.32 -23.52
CA ASN B 206 14.85 5.59 -23.00
C ASN B 206 14.61 4.99 -21.62
N TYR B 207 13.33 4.82 -21.26
CA TYR B 207 12.91 4.28 -19.96
C TYR B 207 13.53 4.95 -18.73
N TYR B 208 13.96 6.21 -18.84
CA TYR B 208 14.73 6.87 -17.76
C TYR B 208 14.64 8.39 -17.84
N LEU B 209 14.36 9.00 -16.69
CA LEU B 209 14.39 10.45 -16.60
C LEU B 209 15.09 10.76 -15.30
N LYS B 210 15.99 11.72 -15.32
CA LYS B 210 16.53 12.20 -14.09
C LYS B 210 16.18 13.66 -13.86
N LYS B 211 15.72 13.97 -12.64
CA LYS B 211 15.44 15.36 -12.25
C LYS B 211 16.37 15.75 -11.12
N THR B 212 16.95 16.93 -11.24
CA THR B 212 17.97 17.37 -10.29
C THR B 212 17.55 18.67 -9.58
N ILE B 213 17.91 18.78 -8.31
CA ILE B 213 17.70 20.02 -7.55
C ILE B 213 19.07 20.50 -7.11
N SER B 214 19.46 21.65 -7.66
CA SER B 214 20.83 22.15 -7.54
C SER B 214 20.89 23.40 -6.66
N ARG B 215 21.92 23.46 -5.81
CA ARG B 215 22.07 24.52 -4.81
C ARG B 215 21.94 25.95 -5.34
C1 NAG C . -15.97 -12.70 -5.86
C2 NAG C . -14.64 -13.37 -5.44
C3 NAG C . -14.15 -12.93 -4.03
C4 NAG C . -14.24 -11.41 -3.85
C5 NAG C . -15.62 -10.90 -4.29
C6 NAG C . -15.79 -9.38 -4.24
C7 NAG C . -14.19 -15.50 -6.59
C8 NAG C . -14.14 -17.00 -6.50
N2 NAG C . -14.73 -14.82 -5.56
O3 NAG C . -12.80 -13.31 -3.81
O4 NAG C . -14.01 -11.01 -2.52
O5 NAG C . -15.92 -11.31 -5.60
O6 NAG C . -14.74 -8.75 -4.95
O7 NAG C . -13.74 -14.94 -7.61
C1 NAG C . -12.66 -10.68 -2.15
C2 NAG C . -12.71 -9.61 -1.06
C3 NAG C . -11.29 -9.29 -0.55
C4 NAG C . -10.57 -10.57 -0.15
C5 NAG C . -10.67 -11.60 -1.28
C6 NAG C . -10.04 -12.93 -0.91
C7 NAG C . -14.42 -7.82 -1.09
C8 NAG C . -14.92 -6.61 -1.82
N2 NAG C . -13.30 -8.37 -1.56
O3 NAG C . -11.33 -8.36 0.53
O4 NAG C . -9.19 -10.33 0.04
O5 NAG C . -12.01 -11.83 -1.66
O6 NAG C . -10.47 -13.87 -1.88
O7 NAG C . -15.05 -8.28 -0.14
C1 MAN C . -8.80 -9.93 1.35
C2 MAN C . -7.42 -10.55 1.66
C3 MAN C . -6.88 -10.03 2.99
C4 MAN C . -6.91 -8.50 3.03
C5 MAN C . -8.28 -7.96 2.60
C6 MAN C . -8.28 -6.44 2.39
O2 MAN C . -6.52 -10.21 0.62
O3 MAN C . -5.56 -10.48 3.20
O4 MAN C . -6.58 -8.09 4.34
O5 MAN C . -8.67 -8.54 1.36
O6 MAN C . -9.63 -6.08 2.11
C1 MAN C . -9.86 -4.69 1.90
C2 MAN C . -11.38 -4.50 1.73
C3 MAN C . -11.89 -4.87 0.34
C4 MAN C . -11.04 -4.20 -0.74
C5 MAN C . -9.55 -4.54 -0.52
C6 MAN C . -8.70 -3.79 -1.54
C6 MAN C . -8.62 -3.88 -1.53
O2 MAN C . -11.74 -3.14 1.92
O3 MAN C . -13.24 -4.46 0.25
O4 MAN C . -11.51 -4.55 -2.04
O5 MAN C . -9.12 -4.19 0.80
O6 MAN C . -8.19 -2.58 -1.01
O6 MAN C . -7.31 -4.38 -1.33
C1 NAG C . -12.02 -2.78 3.27
C2 NAG C . -11.86 -1.26 3.39
C3 NAG C . -12.16 -0.78 4.81
C4 NAG C . -13.46 -1.36 5.35
C5 NAG C . -13.52 -2.87 5.09
C6 NAG C . -14.83 -3.48 5.56
C7 NAG C . -10.22 -0.46 1.79
C8 NAG C . -8.76 -0.24 1.49
N2 NAG C . -10.51 -0.86 3.02
O3 NAG C . -12.15 0.64 4.85
O4 NAG C . -13.48 -1.10 6.76
O5 NAG C . -13.29 -3.20 3.72
O6 NAG C . -15.86 -3.25 4.66
O7 NAG C . -11.08 -0.26 0.92
C1 GAL C . -14.75 -0.53 7.17
C2 GAL C . -14.83 -0.24 8.67
C3 GAL C . -16.16 0.45 8.97
C4 GAL C . -16.46 1.62 8.02
C5 GAL C . -16.25 1.23 6.55
C6 GAL C . -16.31 2.45 5.62
C6 GAL C . -16.29 2.36 5.52
O2 GAL C . -14.69 -1.41 9.47
O3 GAL C . -16.14 0.95 10.27
O4 GAL C . -15.62 2.67 8.38
O5 GAL C . -14.96 0.68 6.46
O6 GAL C . -16.70 1.99 4.36
O6 GAL C . -16.99 3.50 5.95
C1 MAN C . -5.46 -11.38 4.33
C2 MAN C . -3.98 -11.65 4.72
C3 MAN C . -3.29 -12.41 3.60
C4 MAN C . -4.01 -13.73 3.44
C5 MAN C . -5.50 -13.54 3.20
C6 MAN C . -6.20 -14.88 3.29
O2 MAN C . -3.91 -12.56 5.81
O3 MAN C . -1.98 -12.74 3.98
O4 MAN C . -3.40 -14.47 2.40
O5 MAN C . -6.08 -12.64 4.14
O6 MAN C . -7.01 -15.07 2.14
C1 NAG C . -3.92 -11.94 7.10
C2 NAG C . -3.83 -13.02 8.20
C3 NAG C . -3.70 -12.41 9.60
C4 NAG C . -2.75 -11.21 9.62
C5 NAG C . -3.09 -10.26 8.46
C6 NAG C . -2.30 -8.95 8.36
C7 NAG C . -4.93 -15.12 7.47
C8 NAG C . -6.22 -15.88 7.38
N2 NAG C . -4.95 -13.96 8.16
O3 NAG C . -3.26 -13.39 10.50
O4 NAG C . -2.86 -10.54 10.86
O5 NAG C . -2.90 -10.98 7.27
O6 NAG C . -2.97 -8.11 7.43
O7 NAG C . -3.92 -15.58 6.91
C1 FUC C . -15.23 -7.64 -5.76
C2 FUC C . -14.04 -6.82 -6.24
C3 FUC C . -13.20 -7.59 -7.28
C4 FUC C . -14.07 -8.17 -8.38
C5 FUC C . -15.27 -8.90 -7.77
C6 FUC C . -16.23 -9.48 -8.81
O2 FUC C . -13.26 -6.42 -5.14
O3 FUC C . -12.23 -6.73 -7.84
O4 FUC C . -14.56 -7.09 -9.16
O5 FUC C . -15.97 -8.02 -6.91
C1 NAG D . 5.18 -18.82 8.45
C2 NAG D . 3.72 -18.50 8.09
C3 NAG D . 3.57 -18.12 6.58
C4 NAG D . 4.55 -17.02 6.20
C5 NAG D . 5.97 -17.45 6.66
C6 NAG D . 7.02 -16.38 6.37
C7 NAG D . 2.07 -19.73 9.50
C8 NAG D . 1.30 -21.01 9.65
N2 NAG D . 2.87 -19.63 8.42
O3 NAG D . 2.27 -17.66 6.26
O4 NAG D . 4.51 -16.76 4.80
O5 NAG D . 6.01 -17.71 8.04
O6 NAG D . 6.60 -15.18 6.96
O7 NAG D . 1.96 -18.86 10.38
C1 NAG D . 3.62 -15.71 4.38
C2 NAG D . 4.22 -15.06 3.13
C3 NAG D . 3.24 -14.03 2.54
C4 NAG D . 1.86 -14.66 2.30
C5 NAG D . 1.37 -15.42 3.54
C6 NAG D . 0.17 -16.29 3.20
C7 NAG D . 6.66 -14.69 2.96
C8 NAG D . 7.81 -13.87 3.51
N2 NAG D . 5.47 -14.41 3.49
O3 NAG D . 3.79 -13.48 1.34
O4 NAG D . 0.88 -13.68 1.99
O5 NAG D . 2.37 -16.27 4.06
O6 NAG D . -0.36 -16.91 4.35
O7 NAG D . 6.84 -15.56 2.09
C1 MAN D . 0.74 -13.33 0.59
C2 MAN D . -0.72 -13.04 0.28
C3 MAN D . -0.91 -12.47 -1.14
C4 MAN D . 0.01 -11.29 -1.36
C5 MAN D . 1.43 -11.66 -0.96
C6 MAN D . 2.35 -10.44 -1.03
O2 MAN D . -1.16 -12.06 1.21
O3 MAN D . -2.25 -12.03 -1.32
O4 MAN D . 0.02 -10.92 -2.72
O5 MAN D . 1.49 -12.17 0.35
O6 MAN D . 3.61 -10.94 -0.65
C1 MAN D . 4.66 -10.00 -0.87
C2 MAN D . 5.98 -10.70 -0.59
C3 MAN D . 6.16 -11.06 0.89
C4 MAN D . 5.83 -9.85 1.78
C5 MAN D . 4.47 -9.29 1.36
C6 MAN D . 4.04 -8.09 2.21
C6 MAN D . 3.96 -8.12 2.21
O2 MAN D . 7.02 -9.81 -0.88
O3 MAN D . 7.50 -11.54 1.07
O4 MAN D . 5.77 -10.23 3.14
O5 MAN D . 4.55 -8.89 0.00
O6 MAN D . 5.16 -7.37 2.63
O6 MAN D . 2.54 -8.15 2.19
C1 NAG D . 7.46 -9.93 -2.25
C2 NAG D . 8.29 -8.69 -2.58
C3 NAG D . 8.83 -8.76 -4.03
C4 NAG D . 9.46 -10.10 -4.34
C5 NAG D . 8.58 -11.24 -3.82
C6 NAG D . 9.22 -12.61 -4.00
C7 NAG D . 7.52 -6.83 -1.19
C8 NAG D . 6.30 -6.01 -0.85
N2 NAG D . 7.46 -7.53 -2.33
O3 NAG D . 9.77 -7.72 -4.30
O4 NAG D . 9.60 -10.24 -5.74
O5 NAG D . 8.28 -11.05 -2.45
O6 NAG D . 10.47 -12.56 -3.39
O7 NAG D . 8.52 -6.83 -0.43
C1 GAL D . 10.94 -10.62 -6.12
C2 GAL D . 11.04 -10.62 -7.66
C3 GAL D . 12.47 -10.88 -8.14
C4 GAL D . 13.44 -9.94 -7.45
C5 GAL D . 13.23 -9.93 -5.94
C6 GAL D . 14.09 -8.90 -5.21
O2 GAL D . 10.21 -11.59 -8.24
O3 GAL D . 12.54 -10.64 -9.53
O4 GAL D . 13.29 -8.66 -8.02
O5 GAL D . 11.88 -9.69 -5.59
O6 GAL D . 13.89 -9.10 -3.83
C1 MAN D . -3.01 -12.87 -2.24
C2 MAN D . -4.32 -12.19 -2.62
C3 MAN D . -5.24 -12.17 -1.41
C4 MAN D . -5.53 -13.60 -0.98
C5 MAN D . -4.22 -14.35 -0.71
C6 MAN D . -4.49 -15.82 -0.46
O2 MAN D . -4.99 -12.96 -3.59
O3 MAN D . -6.46 -11.58 -1.75
O4 MAN D . -6.41 -13.62 0.13
O5 MAN D . -3.30 -14.20 -1.79
O6 MAN D . -3.63 -16.34 0.54
C1 NAG D . -4.66 -12.62 -4.95
C2 NAG D . -5.10 -13.79 -5.82
C3 NAG D . -4.57 -13.51 -7.21
C4 NAG D . -5.36 -12.31 -7.74
C5 NAG D . -5.30 -11.11 -6.78
C6 NAG D . -6.49 -10.19 -7.03
C7 NAG D . -5.71 -15.97 -4.87
C8 NAG D . -5.39 -17.44 -4.98
N2 NAG D . -4.77 -15.13 -5.30
O3 NAG D . -4.74 -14.65 -8.01
O4 NAG D . -4.85 -11.91 -9.00
O5 NAG D . -5.28 -11.43 -5.39
O6 NAG D . -6.24 -8.92 -6.48
O7 NAG D . -6.79 -15.62 -4.39
C1 FUC D . 7.71 -14.51 7.60
C2 FUC D . 7.33 -13.06 7.85
C3 FUC D . 6.21 -13.00 8.89
C4 FUC D . 6.62 -13.72 10.17
C5 FUC D . 7.08 -15.14 9.82
C6 FUC D . 7.59 -15.91 11.02
O2 FUC D . 6.89 -12.48 6.63
O3 FUC D . 5.90 -11.66 9.20
O4 FUC D . 7.69 -12.97 10.72
O5 FUC D . 8.10 -15.09 8.83
#